data_5BYP
#
_entry.id   5BYP
#
_cell.length_a   64.800
_cell.length_b   64.800
_cell.length_c   235.930
_cell.angle_alpha   90.000
_cell.angle_beta   90.000
_cell.angle_gamma   90.000
#
_symmetry.space_group_name_H-M   'I 41 2 2'
#
_entity_poly.entity_id   1
_entity_poly.type   'polypeptide(L)'
_entity_poly.pdbx_seq_one_letter_code
;GNDGGSDWVGKWQLREYQYPDGKVQKVDSIFYGFQKGSFLAYC(MSE)NKSGSYEGFYGYYKLKDDEISITLWPDNSSGN
EAAHEELVNSASYKNFFGWGDTGERTFKVEELTDKK(MSE)RLNYEGTKYVFRKY
;
_entity_poly.pdbx_strand_id   A,B
#
# COMPACT_ATOMS: atom_id res chain seq x y z
N ASP A 7 10.33 2.91 -18.72
CA ASP A 7 9.66 3.47 -19.90
C ASP A 7 8.23 4.00 -19.54
N TRP A 8 7.86 3.93 -18.23
CA TRP A 8 6.55 4.41 -17.79
C TRP A 8 6.63 5.78 -17.08
N VAL A 9 7.78 6.08 -16.46
CA VAL A 9 8.07 7.27 -15.65
C VAL A 9 7.61 8.59 -16.34
N GLY A 10 7.05 9.50 -15.52
CA GLY A 10 6.59 10.81 -15.96
C GLY A 10 5.09 11.02 -15.95
N LYS A 11 4.65 12.24 -16.36
CA LYS A 11 3.24 12.61 -16.48
C LYS A 11 2.74 12.29 -17.89
N TRP A 12 1.51 11.80 -17.98
CA TRP A 12 0.90 11.41 -19.24
C TRP A 12 -0.48 12.04 -19.37
N GLN A 13 -0.65 12.93 -20.35
CA GLN A 13 -1.93 13.58 -20.51
C GLN A 13 -2.89 12.70 -21.26
N LEU A 14 -4.08 12.44 -20.66
CA LEU A 14 -5.11 11.69 -21.38
C LEU A 14 -5.72 12.61 -22.44
N ARG A 15 -5.38 12.32 -23.70
CA ARG A 15 -5.86 13.10 -24.84
C ARG A 15 -7.32 12.76 -25.12
N GLU A 16 -7.70 11.46 -25.14
CA GLU A 16 -9.08 11.11 -25.44
C GLU A 16 -9.49 9.70 -25.00
N TYR A 17 -10.83 9.49 -24.91
CA TYR A 17 -11.49 8.19 -24.73
C TYR A 17 -12.04 7.74 -26.07
N GLN A 18 -11.90 6.46 -26.40
CA GLN A 18 -12.41 5.85 -27.62
C GLN A 18 -13.31 4.69 -27.24
N TYR A 19 -14.62 4.92 -27.21
CA TYR A 19 -15.58 3.91 -26.77
C TYR A 19 -15.76 2.85 -27.86
N PRO A 20 -16.00 1.56 -27.48
CA PRO A 20 -16.07 0.48 -28.48
C PRO A 20 -16.73 0.88 -29.81
N ASP A 21 -18.02 1.18 -29.81
CA ASP A 21 -18.83 1.50 -30.98
C ASP A 21 -18.29 2.67 -31.87
N GLY A 22 -17.22 3.34 -31.46
CA GLY A 22 -16.60 4.37 -32.29
C GLY A 22 -16.43 5.77 -31.72
N LYS A 23 -17.28 6.16 -30.72
CA LYS A 23 -17.31 7.51 -30.14
C LYS A 23 -15.92 7.97 -29.58
N VAL A 24 -15.59 9.30 -29.75
CA VAL A 24 -14.33 9.91 -29.30
C VAL A 24 -14.61 11.08 -28.32
N GLN A 25 -14.04 11.01 -27.11
CA GLN A 25 -14.24 12.04 -26.09
C GLN A 25 -12.93 12.81 -25.81
N LYS A 26 -12.87 14.09 -26.29
CA LYS A 26 -11.73 14.99 -26.07
C LYS A 26 -11.56 15.29 -24.57
N VAL A 27 -10.35 15.03 -24.02
CA VAL A 27 -9.98 15.24 -22.62
C VAL A 27 -8.74 16.17 -22.55
N ASP A 28 -8.71 17.11 -21.58
CA ASP A 28 -7.57 18.04 -21.46
C ASP A 28 -7.11 18.19 -20.03
N SER A 29 -8.07 18.03 -19.10
CA SER A 29 -7.94 18.19 -17.66
C SER A 29 -7.24 16.99 -16.96
N ILE A 30 -7.16 15.81 -17.61
CA ILE A 30 -6.69 14.58 -16.96
C ILE A 30 -5.21 14.22 -17.28
N PHE A 31 -4.45 13.85 -16.21
CA PHE A 31 -3.06 13.41 -16.29
C PHE A 31 -2.86 12.18 -15.40
N TYR A 32 -2.03 11.21 -15.86
CA TYR A 32 -1.60 10.02 -15.10
C TYR A 32 -0.11 10.09 -14.90
N GLY A 33 0.36 9.79 -13.71
CA GLY A 33 1.78 9.82 -13.36
C GLY A 33 2.26 8.47 -12.89
N PHE A 34 3.45 8.07 -13.33
CA PHE A 34 4.02 6.77 -12.99
C PHE A 34 5.44 6.95 -12.48
N GLN A 35 5.74 6.38 -11.30
CA GLN A 35 7.08 6.49 -10.71
C GLN A 35 7.43 5.27 -9.89
N LYS A 36 8.29 4.38 -10.41
CA LYS A 36 8.85 3.21 -9.73
C LYS A 36 7.82 2.49 -8.82
N GLY A 37 6.70 2.08 -9.41
CA GLY A 37 5.63 1.39 -8.68
C GLY A 37 4.50 2.27 -8.16
N SER A 38 4.75 3.58 -8.02
CA SER A 38 3.74 4.52 -7.52
C SER A 38 2.97 5.18 -8.65
N PHE A 39 1.69 5.40 -8.40
CA PHE A 39 0.79 6.00 -9.37
C PHE A 39 0.23 7.30 -8.84
N LEU A 40 0.12 8.29 -9.73
CA LEU A 40 -0.45 9.62 -9.48
C LEU A 40 -1.43 9.95 -10.56
N ALA A 41 -2.49 10.66 -10.23
CA ALA A 41 -3.46 11.12 -11.20
C ALA A 41 -3.99 12.50 -10.79
N TYR A 42 -4.19 13.43 -11.76
CA TYR A 42 -4.67 14.79 -11.45
C TYR A 42 -5.70 15.30 -12.47
N CYS A 43 -6.72 16.02 -11.96
CA CYS A 43 -7.78 16.68 -12.72
C CYS A 43 -7.59 18.16 -12.60
N ASN A 45 -8.07 22.41 -13.55
CA ASN A 45 -9.02 23.50 -13.50
C ASN A 45 -8.25 24.76 -13.90
N LYS A 46 -8.66 25.42 -15.03
CA LYS A 46 -8.01 26.65 -15.56
C LYS A 46 -7.94 27.72 -14.48
N SER A 47 -8.63 27.46 -13.37
CA SER A 47 -8.66 28.22 -12.13
C SER A 47 -7.24 28.51 -11.63
N GLY A 48 -6.44 27.43 -11.51
CA GLY A 48 -5.08 27.44 -10.98
C GLY A 48 -4.92 26.41 -9.87
N SER A 49 -5.85 25.48 -9.82
CA SER A 49 -5.92 24.43 -8.82
C SER A 49 -6.20 23.12 -9.50
N TYR A 50 -5.80 22.02 -8.89
CA TYR A 50 -6.07 20.67 -9.41
C TYR A 50 -6.34 19.66 -8.28
N GLU A 51 -7.11 18.65 -8.59
CA GLU A 51 -7.39 17.60 -7.61
C GLU A 51 -6.55 16.38 -7.96
N GLY A 52 -6.00 15.74 -6.95
CA GLY A 52 -5.10 14.60 -7.12
C GLY A 52 -5.51 13.29 -6.45
N PHE A 53 -4.97 12.18 -6.99
CA PHE A 53 -5.18 10.81 -6.54
C PHE A 53 -3.89 10.07 -6.57
N TYR A 54 -3.76 9.01 -5.76
CA TYR A 54 -2.51 8.27 -5.73
C TYR A 54 -2.76 6.80 -5.48
N GLY A 55 -1.81 5.99 -5.86
CA GLY A 55 -1.89 4.55 -5.69
C GLY A 55 -0.64 3.86 -6.14
N TYR A 56 -0.77 2.61 -6.55
CA TYR A 56 0.37 1.84 -7.07
C TYR A 56 -0.05 1.06 -8.31
N TYR A 57 0.93 0.64 -9.12
CA TYR A 57 0.64 -0.15 -10.30
C TYR A 57 1.50 -1.37 -10.29
N LYS A 58 1.05 -2.42 -10.98
CA LYS A 58 1.81 -3.67 -11.13
C LYS A 58 1.81 -4.07 -12.62
N LEU A 59 2.97 -4.36 -13.16
CA LEU A 59 3.11 -4.77 -14.56
C LEU A 59 3.20 -6.29 -14.68
N LYS A 60 2.27 -6.90 -15.44
CA LYS A 60 2.19 -8.34 -15.65
C LYS A 60 1.89 -8.63 -17.12
N ASP A 61 2.80 -9.33 -17.81
CA ASP A 61 2.67 -9.69 -19.23
C ASP A 61 2.44 -8.43 -20.09
N ASP A 62 1.20 -8.19 -20.56
CA ASP A 62 0.86 -7.02 -21.37
C ASP A 62 -0.25 -6.23 -20.66
N GLU A 63 -0.19 -6.21 -19.33
CA GLU A 63 -1.20 -5.58 -18.51
C GLU A 63 -0.59 -4.69 -17.43
N ILE A 64 -1.36 -3.67 -17.01
CA ILE A 64 -1.00 -2.78 -15.91
C ILE A 64 -2.19 -2.74 -14.96
N SER A 65 -1.94 -3.06 -13.69
CA SER A 65 -3.00 -3.07 -12.69
C SER A 65 -2.87 -1.89 -11.79
N ILE A 66 -3.73 -0.88 -12.00
CA ILE A 66 -3.68 0.32 -11.19
C ILE A 66 -4.64 0.19 -10.00
N THR A 67 -4.09 0.33 -8.79
CA THR A 67 -4.84 0.28 -7.52
C THR A 67 -4.70 1.60 -6.81
N LEU A 68 -5.81 2.21 -6.39
CA LEU A 68 -5.80 3.48 -5.68
C LEU A 68 -5.64 3.30 -4.17
N TRP A 69 -4.86 4.19 -3.54
CA TRP A 69 -4.63 4.19 -2.12
C TRP A 69 -5.55 5.20 -1.39
N PRO A 70 -6.22 4.81 -0.28
CA PRO A 70 -6.17 3.53 0.44
C PRO A 70 -6.95 2.44 -0.27
N ASP A 71 -6.44 1.22 -0.19
CA ASP A 71 -7.09 0.06 -0.79
C ASP A 71 -8.21 -0.43 0.14
N ASN A 72 -8.87 -1.55 -0.19
CA ASN A 72 -9.97 -2.03 0.65
C ASN A 72 -9.55 -3.12 1.62
N SER A 73 -8.40 -2.97 2.25
CA SER A 73 -8.01 -3.91 3.31
C SER A 73 -8.87 -3.67 4.56
N SER A 74 -8.87 -4.60 5.53
CA SER A 74 -9.70 -4.43 6.73
C SER A 74 -9.42 -3.07 7.44
N GLY A 75 -8.16 -2.71 7.62
CA GLY A 75 -7.77 -1.47 8.31
C GLY A 75 -7.99 -0.19 7.54
N ASN A 76 -8.25 -0.29 6.22
CA ASN A 76 -8.44 0.88 5.33
C ASN A 76 -9.89 1.11 4.84
N GLU A 77 -10.80 0.13 4.98
CA GLU A 77 -12.17 0.15 4.42
C GLU A 77 -12.91 1.47 4.63
N ALA A 78 -12.81 2.09 5.81
CA ALA A 78 -13.52 3.34 6.12
C ALA A 78 -13.06 4.48 5.20
N ALA A 79 -11.75 4.67 5.07
CA ALA A 79 -11.15 5.68 4.21
C ALA A 79 -11.34 5.32 2.73
N HIS A 80 -11.25 4.01 2.39
CA HIS A 80 -11.48 3.52 1.02
C HIS A 80 -12.88 3.87 0.56
N GLU A 81 -13.89 3.58 1.43
CA GLU A 81 -15.29 3.86 1.13
C GLU A 81 -15.56 5.38 1.00
N GLU A 82 -14.87 6.22 1.81
CA GLU A 82 -14.95 7.68 1.68
C GLU A 82 -14.44 8.13 0.30
N LEU A 83 -13.47 7.42 -0.27
CA LEU A 83 -12.86 7.78 -1.56
C LEU A 83 -13.69 7.29 -2.73
N VAL A 84 -14.00 5.97 -2.78
CA VAL A 84 -14.68 5.33 -3.91
C VAL A 84 -16.14 5.79 -4.04
N ASN A 85 -16.70 6.49 -3.03
CA ASN A 85 -18.07 7.01 -3.06
C ASN A 85 -18.09 8.52 -3.38
N SER A 86 -16.92 9.18 -3.46
CA SER A 86 -16.84 10.60 -3.78
C SER A 86 -17.15 10.83 -5.23
N ALA A 87 -17.85 11.92 -5.55
CA ALA A 87 -18.21 12.28 -6.93
C ALA A 87 -16.94 12.46 -7.81
N SER A 88 -15.85 12.93 -7.20
CA SER A 88 -14.59 13.19 -7.88
C SER A 88 -14.02 11.91 -8.48
N TYR A 89 -14.07 10.82 -7.71
CA TYR A 89 -13.63 9.49 -8.10
C TYR A 89 -14.58 8.90 -9.15
N LYS A 90 -15.87 9.03 -8.92
CA LYS A 90 -16.86 8.54 -9.89
C LYS A 90 -16.70 9.25 -11.27
N ASN A 91 -16.42 10.57 -11.27
CA ASN A 91 -16.28 11.29 -12.51
C ASN A 91 -14.93 11.05 -13.16
N PHE A 92 -13.88 10.92 -12.36
CA PHE A 92 -12.56 10.79 -12.90
C PHE A 92 -12.22 9.34 -13.23
N PHE A 93 -12.36 8.44 -12.27
CA PHE A 93 -12.02 7.07 -12.59
C PHE A 93 -13.23 6.27 -13.03
N GLY A 94 -14.22 6.12 -12.14
CA GLY A 94 -15.41 5.32 -12.39
C GLY A 94 -15.09 3.84 -12.33
N TRP A 95 -14.01 3.49 -11.64
CA TRP A 95 -13.51 2.11 -11.53
C TRP A 95 -14.32 1.25 -10.54
N GLY A 96 -15.37 1.82 -9.96
CA GLY A 96 -16.24 1.11 -9.04
C GLY A 96 -15.71 1.02 -7.63
N ASP A 97 -16.43 0.28 -6.77
CA ASP A 97 -16.14 0.13 -5.34
C ASP A 97 -14.72 -0.38 -5.05
N THR A 98 -14.14 -1.18 -5.96
CA THR A 98 -12.84 -1.81 -5.71
C THR A 98 -11.67 -0.77 -5.73
N GLY A 99 -11.81 0.31 -6.52
CA GLY A 99 -10.77 1.33 -6.67
C GLY A 99 -9.54 0.79 -7.34
N GLU A 100 -9.75 -0.14 -8.27
CA GLU A 100 -8.75 -0.86 -9.04
C GLU A 100 -9.26 -1.12 -10.44
N ARG A 101 -8.39 -0.97 -11.45
CA ARG A 101 -8.67 -1.30 -12.87
C ARG A 101 -7.38 -1.83 -13.56
N THR A 102 -7.52 -2.96 -14.27
CA THR A 102 -6.48 -3.65 -15.02
C THR A 102 -6.69 -3.36 -16.51
N PHE A 103 -5.67 -2.77 -17.15
CA PHE A 103 -5.70 -2.38 -18.57
C PHE A 103 -4.79 -3.23 -19.39
N LYS A 104 -5.15 -3.42 -20.66
CA LYS A 104 -4.27 -4.03 -21.65
C LYS A 104 -3.43 -2.92 -22.24
N VAL A 105 -2.10 -3.07 -22.21
CA VAL A 105 -1.20 -2.06 -22.78
C VAL A 105 -1.09 -2.29 -24.28
N GLU A 106 -1.82 -1.51 -25.07
CA GLU A 106 -1.80 -1.64 -26.54
C GLU A 106 -0.60 -0.90 -27.13
N GLU A 107 -0.26 0.28 -26.58
CA GLU A 107 0.83 1.12 -27.03
C GLU A 107 1.53 1.78 -25.86
N LEU A 108 2.88 1.84 -25.94
CA LEU A 108 3.73 2.54 -24.99
C LEU A 108 5.04 2.88 -25.68
N THR A 109 5.21 4.17 -26.00
CA THR A 109 6.41 4.71 -26.65
C THR A 109 6.93 5.87 -25.78
N ASP A 110 7.92 6.64 -26.28
CA ASP A 110 8.48 7.77 -25.56
C ASP A 110 7.51 8.98 -25.55
N LYS A 111 6.48 8.95 -26.42
CA LYS A 111 5.49 10.02 -26.51
C LYS A 111 4.06 9.53 -26.27
N LYS A 112 3.62 8.43 -26.97
CA LYS A 112 2.23 7.95 -26.83
C LYS A 112 2.10 6.71 -25.91
N ARG A 114 -1.41 3.87 -25.10
CA ARG A 114 -2.81 3.51 -25.31
C ARG A 114 -3.17 2.29 -24.48
N LEU A 115 -4.05 2.50 -23.51
CA LEU A 115 -4.56 1.45 -22.62
C LEU A 115 -5.93 0.99 -23.10
N ASN A 116 -6.33 -0.22 -22.75
CA ASN A 116 -7.61 -0.71 -23.21
C ASN A 116 -8.36 -1.38 -22.10
N TYR A 117 -9.60 -0.97 -21.90
CA TYR A 117 -10.42 -1.63 -20.90
C TYR A 117 -11.77 -1.94 -21.46
N GLU A 118 -12.02 -3.25 -21.64
CA GLU A 118 -13.29 -3.78 -22.16
C GLU A 118 -13.71 -3.03 -23.44
N GLY A 119 -12.74 -2.75 -24.31
CA GLY A 119 -12.98 -2.09 -25.58
C GLY A 119 -12.79 -0.58 -25.58
N THR A 120 -12.82 0.04 -24.40
CA THR A 120 -12.61 1.49 -24.30
C THR A 120 -11.11 1.75 -24.31
N LYS A 121 -10.67 2.56 -25.28
CA LYS A 121 -9.27 2.91 -25.41
C LYS A 121 -8.97 4.21 -24.66
N TYR A 122 -7.88 4.20 -23.87
CA TYR A 122 -7.37 5.36 -23.12
C TYR A 122 -6.13 5.87 -23.86
N VAL A 123 -6.24 7.01 -24.55
CA VAL A 123 -5.18 7.54 -25.42
C VAL A 123 -4.46 8.70 -24.76
N PHE A 124 -3.20 8.46 -24.37
CA PHE A 124 -2.36 9.41 -23.65
C PHE A 124 -1.19 9.91 -24.48
N ARG A 125 -0.77 11.16 -24.20
CA ARG A 125 0.43 11.75 -24.75
C ARG A 125 1.32 12.20 -23.59
N LYS A 126 2.63 11.87 -23.65
CA LYS A 126 3.56 12.23 -22.59
C LYS A 126 3.70 13.77 -22.49
N TYR A 127 3.63 14.32 -21.26
CA TYR A 127 3.69 15.77 -21.05
C TYR A 127 5.09 16.20 -20.53
N ASP B 7 11.18 10.39 13.17
CA ASP B 7 10.58 10.23 14.49
C ASP B 7 10.53 8.74 14.94
N TRP B 8 10.59 7.83 13.97
CA TRP B 8 10.49 6.36 14.08
C TRP B 8 11.58 5.65 13.25
N VAL B 9 12.18 6.39 12.27
CA VAL B 9 13.17 5.93 11.29
C VAL B 9 14.30 5.08 11.93
N GLY B 10 14.69 4.02 11.21
CA GLY B 10 15.78 3.13 11.61
C GLY B 10 15.35 1.73 12.00
N LYS B 11 16.35 0.90 12.39
CA LYS B 11 16.14 -0.48 12.85
C LYS B 11 15.95 -0.50 14.36
N TRP B 12 15.05 -1.33 14.84
CA TRP B 12 14.74 -1.45 16.27
C TRP B 12 14.79 -2.91 16.71
N GLN B 13 15.73 -3.26 17.60
CA GLN B 13 15.83 -4.63 18.02
C GLN B 13 14.83 -4.94 19.11
N LEU B 14 13.99 -5.98 18.90
CA LEU B 14 13.08 -6.42 19.94
C LEU B 14 13.89 -7.15 21.00
N ARG B 15 14.04 -6.51 22.17
CA ARG B 15 14.77 -7.05 23.30
C ARG B 15 13.95 -8.14 23.99
N GLU B 16 12.63 -7.90 24.25
CA GLU B 16 11.82 -8.91 24.93
C GLU B 16 10.30 -8.71 24.76
N TYR B 17 9.55 -9.80 25.03
CA TYR B 17 8.10 -9.85 25.17
C TYR B 17 7.74 -9.92 26.65
N GLN B 18 6.72 -9.17 27.08
CA GLN B 18 6.23 -9.17 28.45
C GLN B 18 4.76 -9.53 28.44
N TYR B 19 4.43 -10.80 28.63
CA TYR B 19 3.03 -11.25 28.55
C TYR B 19 2.27 -10.84 29.80
N PRO B 20 0.93 -10.52 29.70
CA PRO B 20 0.22 -9.99 30.87
C PRO B 20 0.59 -10.72 32.17
N ASP B 21 0.14 -11.99 32.32
CA ASP B 21 0.43 -12.85 33.50
C ASP B 21 1.58 -13.78 33.19
N GLY B 22 1.89 -13.86 31.90
CA GLY B 22 2.94 -14.70 31.36
C GLY B 22 4.35 -14.32 31.72
N LYS B 23 5.29 -14.91 31.01
CA LYS B 23 6.70 -14.78 31.25
C LYS B 23 7.35 -13.64 30.45
N VAL B 24 8.57 -13.25 30.86
CA VAL B 24 9.42 -12.37 30.07
C VAL B 24 10.14 -13.26 29.05
N GLN B 25 10.02 -12.96 27.76
CA GLN B 25 10.66 -13.75 26.70
C GLN B 25 11.84 -12.96 26.06
N LYS B 26 13.08 -13.39 26.35
CA LYS B 26 14.32 -12.82 25.79
C LYS B 26 14.38 -13.12 24.28
N VAL B 27 14.55 -12.07 23.45
CA VAL B 27 14.66 -12.16 22.00
C VAL B 27 15.95 -11.44 21.56
N ASP B 28 16.59 -11.94 20.51
CA ASP B 28 17.82 -11.34 19.97
C ASP B 28 17.77 -11.27 18.44
N SER B 29 17.03 -12.21 17.83
CA SER B 29 16.94 -12.44 16.41
C SER B 29 15.91 -11.53 15.70
N ILE B 30 15.10 -10.75 16.45
CA ILE B 30 14.03 -9.94 15.83
C ILE B 30 14.37 -8.42 15.78
N PHE B 31 14.09 -7.81 14.62
CA PHE B 31 14.28 -6.39 14.33
C PHE B 31 13.07 -5.81 13.56
N TYR B 32 12.65 -4.57 13.88
CA TYR B 32 11.58 -3.82 13.19
C TYR B 32 12.20 -2.59 12.56
N GLY B 33 11.84 -2.30 11.31
CA GLY B 33 12.37 -1.15 10.57
C GLY B 33 11.26 -0.22 10.14
N PHE B 34 11.48 1.10 10.27
CA PHE B 34 10.47 2.11 9.93
C PHE B 34 11.08 3.14 9.02
N GLN B 35 10.41 3.45 7.88
CA GLN B 35 10.90 4.44 6.92
C GLN B 35 9.77 5.07 6.14
N LYS B 36 9.48 6.36 6.43
CA LYS B 36 8.50 7.19 5.71
C LYS B 36 7.24 6.43 5.26
N GLY B 37 6.56 5.79 6.20
CA GLY B 37 5.33 5.03 5.93
C GLY B 37 5.52 3.54 5.69
N SER B 38 6.76 3.12 5.34
CA SER B 38 7.09 1.70 5.07
C SER B 38 7.62 0.99 6.29
N PHE B 39 7.27 -0.29 6.40
CA PHE B 39 7.67 -1.11 7.51
C PHE B 39 8.47 -2.32 7.02
N LEU B 40 9.51 -2.67 7.78
CA LEU B 40 10.36 -3.85 7.56
C LEU B 40 10.52 -4.61 8.86
N ALA B 41 10.62 -5.93 8.78
CA ALA B 41 10.86 -6.77 9.96
C ALA B 41 11.72 -7.96 9.57
N TYR B 42 12.71 -8.36 10.41
CA TYR B 42 13.62 -9.48 10.09
C TYR B 42 13.95 -10.36 11.31
N CYS B 43 14.10 -11.71 11.08
CA CYS B 43 14.51 -12.73 12.10
C CYS B 43 15.89 -13.29 11.72
N ASN B 45 19.06 -15.41 11.73
CA ASN B 45 19.62 -16.70 12.13
C ASN B 45 21.12 -16.52 12.23
N LYS B 46 21.74 -16.77 13.43
CA LYS B 46 23.20 -16.62 13.66
C LYS B 46 24.01 -17.39 12.58
N SER B 47 23.28 -18.10 11.68
CA SER B 47 23.76 -18.88 10.55
C SER B 47 24.23 -18.00 9.37
N GLY B 48 23.85 -16.72 9.37
CA GLY B 48 24.22 -15.77 8.34
C GLY B 48 23.10 -15.51 7.35
N SER B 49 21.90 -15.89 7.73
CA SER B 49 20.70 -15.75 6.94
C SER B 49 19.63 -15.13 7.76
N TYR B 50 18.66 -14.45 7.12
CA TYR B 50 17.55 -13.86 7.85
C TYR B 50 16.24 -13.93 7.05
N GLU B 51 15.13 -14.05 7.74
CA GLU B 51 13.83 -14.05 7.13
C GLU B 51 13.21 -12.67 7.33
N GLY B 52 12.58 -12.13 6.29
CA GLY B 52 12.01 -10.80 6.32
C GLY B 52 10.53 -10.69 6.02
N PHE B 53 9.95 -9.58 6.46
CA PHE B 53 8.55 -9.19 6.27
C PHE B 53 8.50 -7.72 5.98
N TYR B 54 7.50 -7.29 5.26
CA TYR B 54 7.41 -5.87 4.89
C TYR B 54 5.96 -5.42 4.90
N GLY B 55 5.75 -4.13 5.01
CA GLY B 55 4.40 -3.58 5.05
C GLY B 55 4.42 -2.08 5.17
N TYR B 56 3.36 -1.52 5.76
CA TYR B 56 3.26 -0.09 5.99
C TYR B 56 2.69 0.19 7.37
N TYR B 57 2.87 1.42 7.88
CA TYR B 57 2.34 1.79 9.18
C TYR B 57 1.62 3.09 9.09
N LYS B 58 0.69 3.32 10.03
CA LYS B 58 -0.05 4.58 10.12
C LYS B 58 -0.06 5.06 11.58
N LEU B 59 0.26 6.34 11.81
CA LEU B 59 0.31 6.90 13.15
C LEU B 59 -0.95 7.70 13.45
N LYS B 60 -1.65 7.34 14.53
CA LYS B 60 -2.90 7.99 14.97
C LYS B 60 -2.90 8.16 16.47
N ASP B 61 -2.95 9.41 16.96
CA ASP B 61 -2.97 9.76 18.39
C ASP B 61 -1.78 9.12 19.13
N ASP B 62 -2.03 8.03 19.90
CA ASP B 62 -0.98 7.31 20.63
C ASP B 62 -0.93 5.85 20.15
N GLU B 63 -1.19 5.65 18.86
CA GLU B 63 -1.25 4.32 18.27
C GLU B 63 -0.45 4.23 16.96
N ILE B 64 0.05 3.03 16.66
CA ILE B 64 0.71 2.73 15.41
C ILE B 64 0.03 1.50 14.83
N SER B 65 -0.43 1.60 13.58
CA SER B 65 -1.11 0.49 12.94
C SER B 65 -0.21 -0.11 11.93
N ILE B 66 0.39 -1.27 12.27
CA ILE B 66 1.31 -1.93 11.34
C ILE B 66 0.53 -2.97 10.55
N THR B 67 0.62 -2.86 9.22
CA THR B 67 -0.04 -3.77 8.29
C THR B 67 1.01 -4.39 7.44
N LEU B 68 1.01 -5.70 7.39
CA LEU B 68 1.98 -6.35 6.54
C LEU B 68 1.45 -6.44 5.10
N TRP B 69 2.40 -6.54 4.17
CA TRP B 69 2.08 -6.66 2.76
C TRP B 69 2.35 -8.12 2.30
N PRO B 70 1.39 -8.77 1.60
CA PRO B 70 0.10 -8.23 1.12
C PRO B 70 -0.95 -8.14 2.22
N ASP B 71 -1.76 -7.08 2.16
CA ASP B 71 -2.83 -6.88 3.12
C ASP B 71 -4.04 -7.71 2.66
N ASN B 72 -5.22 -7.59 3.31
CA ASN B 72 -6.36 -8.40 2.87
C ASN B 72 -7.31 -7.66 1.93
N SER B 73 -6.76 -6.91 0.98
CA SER B 73 -7.61 -6.25 -0.02
C SER B 73 -8.11 -7.29 -1.01
N SER B 74 -9.11 -6.92 -1.84
CA SER B 74 -9.69 -7.86 -2.80
C SER B 74 -8.61 -8.52 -3.70
N GLY B 75 -7.73 -7.71 -4.29
CA GLY B 75 -6.68 -8.22 -5.16
C GLY B 75 -5.54 -9.00 -4.50
N ASN B 76 -5.51 -9.09 -3.14
CA ASN B 76 -4.40 -9.72 -2.45
C ASN B 76 -4.83 -10.74 -1.38
N GLU B 77 -6.10 -11.11 -1.33
CA GLU B 77 -6.59 -12.09 -0.37
C GLU B 77 -5.88 -13.49 -0.45
N ALA B 78 -5.63 -14.00 -1.65
CA ALA B 78 -5.01 -15.32 -1.84
C ALA B 78 -3.60 -15.38 -1.23
N ALA B 79 -2.76 -14.38 -1.56
CA ALA B 79 -1.41 -14.26 -1.04
C ALA B 79 -1.43 -13.89 0.44
N HIS B 80 -2.41 -13.05 0.87
CA HIS B 80 -2.55 -12.68 2.28
C HIS B 80 -2.81 -13.92 3.13
N GLU B 81 -3.76 -14.79 2.67
CA GLU B 81 -4.11 -16.03 3.37
C GLU B 81 -2.90 -17.00 3.42
N GLU B 82 -2.08 -17.06 2.34
CA GLU B 82 -0.86 -17.87 2.32
C GLU B 82 0.15 -17.36 3.37
N LEU B 83 0.14 -16.04 3.70
CA LEU B 83 1.08 -15.45 4.65
C LEU B 83 0.63 -15.67 6.08
N VAL B 84 -0.57 -15.24 6.41
CA VAL B 84 -1.05 -15.28 7.81
C VAL B 84 -1.24 -16.72 8.33
N ASN B 85 -1.37 -17.70 7.42
CA ASN B 85 -1.51 -19.12 7.80
C ASN B 85 -0.15 -19.82 7.83
N SER B 86 0.93 -19.12 7.40
CA SER B 86 2.28 -19.65 7.36
C SER B 86 2.84 -19.78 8.77
N ALA B 87 3.70 -20.78 8.97
CA ALA B 87 4.34 -21.04 10.28
C ALA B 87 5.31 -19.92 10.65
N SER B 88 5.98 -19.31 9.64
CA SER B 88 6.94 -18.23 9.82
C SER B 88 6.29 -17.03 10.45
N TYR B 89 5.10 -16.67 9.95
CA TYR B 89 4.30 -15.57 10.45
C TYR B 89 3.81 -15.87 11.82
N LYS B 90 3.25 -17.07 12.03
CA LYS B 90 2.74 -17.47 13.35
C LYS B 90 3.86 -17.44 14.41
N ASN B 91 5.06 -17.87 14.05
CA ASN B 91 6.19 -17.85 15.00
C ASN B 91 6.79 -16.45 15.15
N PHE B 92 6.79 -15.62 14.07
CA PHE B 92 7.41 -14.29 14.12
C PHE B 92 6.48 -13.24 14.79
N PHE B 93 5.23 -13.09 14.25
CA PHE B 93 4.27 -12.13 14.74
C PHE B 93 3.16 -12.79 15.53
N GLY B 94 2.51 -13.76 14.90
CA GLY B 94 1.32 -14.39 15.43
C GLY B 94 0.10 -13.48 15.44
N TRP B 95 0.19 -12.26 14.84
CA TRP B 95 -0.86 -11.18 14.84
C TRP B 95 -2.29 -11.57 14.28
N GLY B 96 -2.47 -12.83 13.88
CA GLY B 96 -3.78 -13.28 13.41
C GLY B 96 -3.99 -13.21 11.91
N ASP B 97 -5.22 -13.61 11.48
CA ASP B 97 -5.65 -13.63 10.07
C ASP B 97 -5.60 -12.24 9.45
N THR B 98 -5.82 -11.19 10.25
CA THR B 98 -5.87 -9.84 9.72
C THR B 98 -4.48 -9.37 9.18
N GLY B 99 -3.38 -9.95 9.69
CA GLY B 99 -2.01 -9.59 9.30
C GLY B 99 -1.74 -8.13 9.56
N GLU B 100 -2.21 -7.66 10.70
CA GLU B 100 -2.19 -6.27 11.13
C GLU B 100 -2.25 -6.20 12.64
N ARG B 101 -1.55 -5.27 13.23
CA ARG B 101 -1.70 -5.07 14.64
C ARG B 101 -1.58 -3.60 14.97
N THR B 102 -2.55 -3.11 15.76
CA THR B 102 -2.56 -1.74 16.23
C THR B 102 -2.06 -1.76 17.66
N PHE B 103 -0.95 -1.07 17.90
CA PHE B 103 -0.30 -1.02 19.20
C PHE B 103 -0.46 0.30 19.83
N LYS B 104 -0.50 0.31 21.16
CA LYS B 104 -0.45 1.53 21.94
C LYS B 104 1.03 1.85 22.13
N VAL B 105 1.44 3.07 21.75
CA VAL B 105 2.82 3.48 21.91
C VAL B 105 3.00 3.98 23.33
N GLU B 106 3.57 3.11 24.21
CA GLU B 106 3.80 3.47 25.63
C GLU B 106 5.08 4.28 25.76
N GLU B 107 6.11 3.91 24.98
CA GLU B 107 7.41 4.58 25.00
C GLU B 107 8.00 4.67 23.58
N LEU B 108 8.58 5.82 23.27
CA LEU B 108 9.32 6.07 22.05
C LEU B 108 10.28 7.21 22.30
N THR B 109 11.58 6.84 22.38
CA THR B 109 12.68 7.78 22.62
C THR B 109 13.71 7.56 21.52
N ASP B 110 14.89 8.19 21.62
CA ASP B 110 15.94 8.04 20.62
C ASP B 110 16.63 6.66 20.74
N LYS B 111 16.40 5.94 21.86
CA LYS B 111 16.99 4.63 22.08
C LYS B 111 15.91 3.53 22.33
N LYS B 112 14.94 3.75 23.23
CA LYS B 112 13.93 2.72 23.55
C LYS B 112 12.56 2.97 22.86
N ARG B 114 8.46 1.01 23.43
CA ARG B 114 7.63 0.01 24.09
C ARG B 114 6.22 0.08 23.54
N LEU B 115 5.81 -0.97 22.85
CA LEU B 115 4.49 -1.08 22.27
C LEU B 115 3.62 -1.98 23.16
N ASN B 116 2.31 -1.82 23.10
CA ASN B 116 1.46 -2.62 23.94
C ASN B 116 0.31 -3.17 23.17
N TYR B 117 0.11 -4.48 23.24
CA TYR B 117 -1.07 -5.06 22.60
C TYR B 117 -1.78 -5.96 23.54
N GLU B 118 -2.98 -5.53 24.01
CA GLU B 118 -3.85 -6.26 24.92
C GLU B 118 -3.05 -6.81 26.11
N GLY B 119 -2.16 -5.97 26.64
CA GLY B 119 -1.36 -6.32 27.82
C GLY B 119 0.01 -6.88 27.53
N THR B 120 0.25 -7.35 26.31
CA THR B 120 1.57 -7.85 25.93
C THR B 120 2.43 -6.65 25.55
N LYS B 121 3.55 -6.47 26.25
CA LYS B 121 4.47 -5.38 25.99
C LYS B 121 5.57 -5.84 25.02
N TYR B 122 5.84 -5.02 23.97
CA TYR B 122 6.90 -5.23 22.98
C TYR B 122 8.02 -4.24 23.29
N VAL B 123 9.16 -4.74 23.85
CA VAL B 123 10.25 -3.89 24.34
C VAL B 123 11.43 -3.90 23.37
N PHE B 124 11.64 -2.74 22.69
CA PHE B 124 12.67 -2.57 21.65
C PHE B 124 13.76 -1.61 22.05
N ARG B 125 14.96 -1.84 21.52
CA ARG B 125 16.09 -0.94 21.63
C ARG B 125 16.57 -0.57 20.20
N LYS B 126 16.83 0.72 19.94
CA LYS B 126 17.28 1.18 18.63
C LYS B 126 18.68 0.61 18.31
N TYR B 127 18.86 0.06 17.09
CA TYR B 127 20.13 -0.57 16.70
C TYR B 127 20.94 0.36 15.75
#